data_2ONB
#
_entry.id   2ONB
#
_cell.length_a   95.690
_cell.length_b   95.690
_cell.length_c   82.503
_cell.angle_alpha   90.00
_cell.angle_beta   90.00
_cell.angle_gamma   120.00
#
_symmetry.space_group_name_H-M   'P 31 2 1'
#
loop_
_entity.id
_entity.type
_entity.pdbx_description
1 polymer 'Thymidylate synthetase'
2 non-polymer 'SULFATE ION'
3 non-polymer 1,2-ETHANEDIOL
4 non-polymer 'PROPANE-1,3-DIYLBIS(PHOSPHONIC ACID)'
5 water water
#
_entity_poly.entity_id   1
_entity_poly.type   'polypeptide(L)'
_entity_poly.pdbx_seq_one_letter_code
;MPVAGSELPRRPLPPAAQERDAEPRPPHGELQYLGQIQHILR(CME)GVRKDDRTGTGTLSVFGMQARYSLRDEFPLLTT
KRVFWKGVLEELLWFIKGSTNAKELSSKGVKIWDANGSRDFLDSLGFSTREEGDLGPVYGFQWRHFGAEYRDMESDYSGQ
GVDQLQRVIDTIKTNPDDRRIIM(CME)AWNPRDLPLMALPP(CME)HAL(CME)QFYVVNSELSCQLYQRSGDMGLGVP
FNIASYALLTYMIAHITGLKPGDFIHTLGDAHIYLNHIEPLKIQLQREPRPFPKLRILRKVEKIDDFKAEDFQIEGYNPH
PTIKMEMAV
;
_entity_poly.pdbx_strand_id   A
#
loop_
_chem_comp.id
_chem_comp.type
_chem_comp.name
_chem_comp.formula
7PA non-polymer 'PROPANE-1,3-DIYLBIS(PHOSPHONIC ACID)' 'C3 H10 O6 P2'
EDO non-polymer 1,2-ETHANEDIOL 'C2 H6 O2'
SO4 non-polymer 'SULFATE ION' 'O4 S -2'
#
# COMPACT_ATOMS: atom_id res chain seq x y z
N PRO A 26 23.27 -7.41 10.73
CA PRO A 26 21.83 -7.39 10.33
C PRO A 26 21.61 -6.58 9.05
N PRO A 27 20.95 -7.17 8.04
CA PRO A 27 20.68 -6.48 6.76
C PRO A 27 19.66 -5.34 6.89
N HIS A 28 19.57 -4.50 5.84
CA HIS A 28 18.62 -3.38 5.85
C HIS A 28 17.55 -3.64 4.78
N GLY A 29 16.31 -3.30 5.10
CA GLY A 29 15.23 -3.53 4.16
C GLY A 29 15.33 -2.64 2.94
N GLU A 30 15.79 -1.40 3.13
CA GLU A 30 15.87 -0.47 2.01
C GLU A 30 16.90 -0.88 0.95
N LEU A 31 17.96 -1.56 1.36
CA LEU A 31 18.93 -2.01 0.38
C LEU A 31 18.26 -2.87 -0.67
N GLN A 32 17.08 -3.41 -0.35
CA GLN A 32 16.35 -4.22 -1.31
C GLN A 32 15.74 -3.34 -2.39
N TYR A 33 15.08 -2.25 -1.97
CA TYR A 33 14.48 -1.32 -2.92
C TYR A 33 15.55 -0.69 -3.80
N LEU A 34 16.61 -0.22 -3.15
CA LEU A 34 17.72 0.39 -3.84
C LEU A 34 18.27 -0.62 -4.84
N GLY A 35 18.55 -1.84 -4.38
CA GLY A 35 19.06 -2.88 -5.24
C GLY A 35 18.14 -3.24 -6.40
N GLN A 36 16.84 -3.14 -6.18
CA GLN A 36 15.89 -3.46 -7.24
C GLN A 36 15.95 -2.36 -8.28
N ILE A 37 16.13 -1.13 -7.82
CA ILE A 37 16.23 0.00 -8.72
C ILE A 37 17.46 -0.17 -9.60
N GLN A 38 18.56 -0.59 -8.99
CA GLN A 38 19.80 -0.79 -9.72
C GLN A 38 19.67 -1.87 -10.77
N HIS A 39 18.91 -2.91 -10.43
CA HIS A 39 18.69 -4.04 -11.32
C HIS A 39 17.84 -3.62 -12.52
N ILE A 40 16.85 -2.74 -12.28
CA ILE A 40 15.99 -2.27 -13.38
C ILE A 40 16.83 -1.44 -14.34
N LEU A 41 17.62 -0.51 -13.79
CA LEU A 41 18.45 0.34 -14.62
C LEU A 41 19.49 -0.54 -15.34
N ARG A 42 19.09 -1.16 -16.45
CA ARG A 42 20.00 -2.04 -17.15
C ARG A 42 20.51 -3.06 -16.15
N CME A 43 19.66 -4.02 -15.77
CA CME A 43 19.08 -4.99 -16.68
CB CME A 43 19.16 -6.33 -15.95
SG CME A 43 20.78 -6.79 -15.38
SD CME A 43 21.42 -7.89 -16.96
CE CME A 43 21.50 -9.58 -16.32
CZ CME A 43 20.13 -10.20 -16.04
OH CME A 43 19.28 -10.24 -17.17
C CME A 43 17.62 -4.75 -16.94
O CME A 43 17.14 -5.72 -17.57
N GLY A 44 17.25 -3.57 -17.41
CA GLY A 44 15.85 -3.31 -17.64
C GLY A 44 15.62 -3.20 -19.12
N VAL A 45 14.44 -3.58 -19.57
CA VAL A 45 14.11 -3.54 -20.98
C VAL A 45 13.08 -2.46 -21.28
N ARG A 46 13.16 -1.86 -22.47
CA ARG A 46 12.22 -0.82 -22.84
C ARG A 46 10.83 -1.40 -23.05
N LYS A 47 9.80 -0.71 -22.56
CA LYS A 47 8.42 -1.18 -22.71
C LYS A 47 7.46 -0.02 -22.49
N ASP A 48 6.54 0.16 -23.44
CA ASP A 48 5.55 1.23 -23.35
C ASP A 48 4.34 0.83 -22.52
N ASP A 49 3.76 1.79 -21.79
CA ASP A 49 2.60 1.53 -20.96
C ASP A 49 1.31 1.99 -21.62
N ARG A 50 0.20 1.91 -20.89
CA ARG A 50 -1.12 2.30 -21.41
C ARG A 50 -1.13 3.64 -22.13
N THR A 51 -0.32 4.58 -21.66
CA THR A 51 -0.25 5.91 -22.28
C THR A 51 0.75 5.92 -23.44
N GLY A 52 1.73 5.04 -23.38
CA GLY A 52 2.74 4.98 -24.43
C GLY A 52 4.07 5.53 -23.94
N THR A 53 4.08 6.09 -22.74
CA THR A 53 5.30 6.63 -22.15
C THR A 53 6.30 5.49 -21.98
N GLY A 54 7.58 5.81 -22.12
CA GLY A 54 8.58 4.76 -22.00
C GLY A 54 8.93 4.40 -20.57
N THR A 55 9.35 3.16 -20.35
CA THR A 55 9.76 2.70 -19.04
C THR A 55 10.75 1.55 -19.19
N LEU A 56 11.52 1.31 -18.14
CA LEU A 56 12.47 0.19 -18.11
C LEU A 56 11.75 -0.81 -17.22
N SER A 57 11.52 -2.00 -17.74
CA SER A 57 10.79 -3.01 -16.99
C SER A 57 11.44 -4.37 -16.77
N VAL A 58 11.11 -4.95 -15.63
CA VAL A 58 11.56 -6.28 -15.24
C VAL A 58 10.28 -7.00 -14.79
N PHE A 59 10.22 -8.32 -14.99
CA PHE A 59 9.04 -9.08 -14.59
C PHE A 59 9.40 -9.99 -13.41
N GLY A 60 8.66 -9.82 -12.31
CA GLY A 60 8.86 -10.62 -11.12
C GLY A 60 9.84 -10.06 -10.10
N MET A 61 9.31 -9.59 -8.97
CA MET A 61 10.16 -9.06 -7.89
C MET A 61 9.51 -9.24 -6.54
N GLN A 62 10.34 -9.37 -5.52
CA GLN A 62 9.85 -9.54 -4.15
C GLN A 62 10.82 -8.98 -3.12
N ALA A 63 10.27 -8.47 -2.03
CA ALA A 63 11.10 -7.92 -0.95
C ALA A 63 10.40 -8.03 0.40
N ARG A 64 11.18 -8.30 1.43
CA ARG A 64 10.62 -8.44 2.74
C ARG A 64 11.02 -7.33 3.70
N TYR A 65 10.04 -6.78 4.40
CA TYR A 65 10.29 -5.71 5.32
C TYR A 65 9.83 -6.05 6.71
N SER A 66 10.74 -6.02 7.66
CA SER A 66 10.37 -6.33 9.03
C SER A 66 9.49 -5.23 9.60
N LEU A 67 8.45 -5.62 10.33
CA LEU A 67 7.55 -4.64 10.95
C LEU A 67 7.74 -4.72 12.46
N ARG A 68 8.76 -5.46 12.87
CA ARG A 68 9.06 -5.66 14.28
C ARG A 68 9.88 -4.50 14.87
N ASP A 69 9.20 -3.65 15.63
CA ASP A 69 9.82 -2.48 16.26
C ASP A 69 10.39 -1.50 15.24
N GLU A 70 9.77 -1.41 14.06
CA GLU A 70 10.22 -0.48 13.04
C GLU A 70 9.22 -0.40 11.89
N PHE A 71 9.16 0.77 11.27
CA PHE A 71 8.24 0.97 10.17
C PHE A 71 9.03 1.23 8.89
N PRO A 72 8.73 0.48 7.82
CA PRO A 72 9.42 0.61 6.53
C PRO A 72 9.17 1.90 5.76
N LEU A 73 9.51 3.03 6.38
CA LEU A 73 9.35 4.34 5.73
C LEU A 73 10.70 4.70 5.12
N LEU A 74 10.80 4.57 3.80
CA LEU A 74 12.05 4.82 3.09
C LEU A 74 12.80 6.05 3.58
N THR A 75 14.11 5.89 3.74
CA THR A 75 14.93 6.98 4.21
C THR A 75 15.73 7.65 3.12
N THR A 76 16.03 6.93 2.04
CA THR A 76 16.82 7.52 0.95
C THR A 76 16.12 8.68 0.26
N LYS A 77 14.93 9.04 0.76
CA LYS A 77 14.16 10.16 0.25
C LYS A 77 12.98 10.34 1.20
N ARG A 78 12.47 11.57 1.32
CA ARG A 78 11.36 11.79 2.22
C ARG A 78 10.05 11.36 1.58
N VAL A 79 9.42 10.34 2.17
CA VAL A 79 8.15 9.83 1.69
C VAL A 79 7.04 10.65 2.31
N PHE A 80 6.03 10.97 1.52
CA PHE A 80 4.91 11.76 1.99
C PHE A 80 3.98 11.01 2.97
N TRP A 81 4.49 10.74 4.17
CA TRP A 81 3.74 10.04 5.19
C TRP A 81 2.34 10.60 5.44
N LYS A 82 2.20 11.92 5.32
CA LYS A 82 0.89 12.54 5.52
C LYS A 82 -0.12 11.95 4.56
N GLY A 83 0.25 11.88 3.29
CA GLY A 83 -0.63 11.34 2.27
C GLY A 83 -0.95 9.86 2.49
N VAL A 84 0.05 9.09 2.91
CA VAL A 84 -0.12 7.66 3.15
C VAL A 84 -1.27 7.45 4.15
N LEU A 85 -1.08 7.99 5.35
CA LEU A 85 -2.05 7.88 6.42
C LEU A 85 -3.43 8.41 6.06
N GLU A 86 -3.48 9.64 5.56
CA GLU A 86 -4.72 10.29 5.21
C GLU A 86 -5.47 9.52 4.13
N GLU A 87 -4.75 8.96 3.16
CA GLU A 87 -5.40 8.22 2.09
C GLU A 87 -5.92 6.86 2.54
N LEU A 88 -5.20 6.24 3.47
CA LEU A 88 -5.61 4.95 3.98
C LEU A 88 -6.90 5.10 4.79
N LEU A 89 -6.93 6.08 5.69
CA LEU A 89 -8.12 6.33 6.48
C LEU A 89 -9.33 6.55 5.57
N TRP A 90 -9.09 7.17 4.42
CA TRP A 90 -10.12 7.44 3.42
C TRP A 90 -10.63 6.14 2.80
N PHE A 91 -9.72 5.26 2.42
CA PHE A 91 -10.12 3.99 1.84
C PHE A 91 -10.84 3.13 2.86
N ILE A 92 -10.35 3.14 4.09
CA ILE A 92 -10.95 2.36 5.17
C ILE A 92 -12.38 2.85 5.43
N LYS A 93 -12.63 4.14 5.19
CA LYS A 93 -13.95 4.69 5.40
C LYS A 93 -14.89 4.30 4.26
N GLY A 94 -14.35 3.58 3.27
CA GLY A 94 -15.14 3.14 2.14
C GLY A 94 -15.69 4.28 1.30
N SER A 95 -15.25 5.49 1.61
CA SER A 95 -15.68 6.69 0.92
C SER A 95 -15.17 6.76 -0.52
N THR A 96 -16.08 7.08 -1.43
CA THR A 96 -15.77 7.21 -2.84
C THR A 96 -15.86 8.71 -3.20
N ASN A 97 -15.90 9.55 -2.18
CA ASN A 97 -15.98 11.00 -2.37
C ASN A 97 -14.57 11.59 -2.46
N ALA A 98 -14.18 11.99 -3.67
CA ALA A 98 -12.85 12.57 -3.90
C ALA A 98 -12.67 13.81 -3.04
N LYS A 99 -13.77 14.49 -2.77
CA LYS A 99 -13.74 15.69 -1.96
C LYS A 99 -13.37 15.43 -0.51
N GLU A 100 -13.79 14.27 0.00
CA GLU A 100 -13.51 13.89 1.39
C GLU A 100 -12.03 13.67 1.63
N LEU A 101 -11.27 13.50 0.55
CA LEU A 101 -9.83 13.29 0.65
C LEU A 101 -9.11 14.61 0.42
N SER A 102 -9.56 15.35 -0.59
CA SER A 102 -8.97 16.65 -0.95
C SER A 102 -9.09 17.67 0.19
N SER A 103 -10.14 17.53 0.98
CA SER A 103 -10.40 18.42 2.12
C SER A 103 -9.48 18.07 3.29
N LYS A 104 -9.03 16.82 3.32
CA LYS A 104 -8.15 16.37 4.39
C LYS A 104 -6.75 16.92 4.22
N GLY A 105 -6.49 17.52 3.06
CA GLY A 105 -5.19 18.09 2.78
C GLY A 105 -4.31 17.20 1.93
N VAL A 106 -4.94 16.38 1.10
CA VAL A 106 -4.21 15.47 0.21
C VAL A 106 -5.01 15.21 -1.06
N LYS A 107 -4.34 15.27 -2.21
CA LYS A 107 -5.00 15.03 -3.49
C LYS A 107 -3.99 15.04 -4.63
N GLY A 129 -16.90 15.92 -7.75
CA GLY A 129 -16.63 15.26 -6.49
C GLY A 129 -16.74 13.74 -6.56
N ASP A 130 -17.73 13.24 -7.29
CA ASP A 130 -17.93 11.80 -7.42
C ASP A 130 -16.73 11.17 -8.13
N LEU A 131 -16.06 10.27 -7.44
CA LEU A 131 -14.88 9.62 -8.01
C LEU A 131 -15.09 8.16 -8.40
N GLY A 132 -16.36 7.79 -8.60
CA GLY A 132 -16.66 6.41 -8.97
C GLY A 132 -16.28 5.41 -7.90
N PRO A 133 -16.52 4.11 -8.15
CA PRO A 133 -16.19 3.05 -7.19
C PRO A 133 -14.69 2.81 -7.07
N VAL A 134 -14.02 3.59 -6.22
CA VAL A 134 -12.58 3.43 -6.04
C VAL A 134 -12.23 2.29 -5.09
N TYR A 135 -11.05 2.36 -4.50
CA TYR A 135 -10.61 1.32 -3.57
C TYR A 135 -11.53 1.12 -2.38
N GLY A 136 -11.92 2.22 -1.74
CA GLY A 136 -12.79 2.14 -0.58
C GLY A 136 -14.06 1.34 -0.82
N PHE A 137 -14.75 1.67 -1.91
CA PHE A 137 -16.00 1.02 -2.26
C PHE A 137 -15.81 -0.48 -2.52
N GLN A 138 -14.59 -0.88 -2.88
CA GLN A 138 -14.32 -2.29 -3.14
C GLN A 138 -13.98 -3.03 -1.86
N TRP A 139 -13.21 -2.37 -0.99
CA TRP A 139 -12.79 -2.92 0.28
C TRP A 139 -13.94 -3.14 1.24
N ARG A 140 -15.02 -2.40 1.04
CA ARG A 140 -16.17 -2.50 1.93
C ARG A 140 -17.45 -2.96 1.25
N HIS A 141 -17.56 -2.76 -0.06
CA HIS A 141 -18.77 -3.16 -0.76
C HIS A 141 -18.44 -3.90 -2.05
N PHE A 142 -17.67 -4.98 -1.92
CA PHE A 142 -17.27 -5.78 -3.06
C PHE A 142 -18.47 -6.49 -3.67
N GLY A 143 -18.91 -6.02 -4.83
CA GLY A 143 -20.05 -6.63 -5.49
C GLY A 143 -21.25 -5.70 -5.62
N ALA A 144 -21.46 -4.87 -4.60
CA ALA A 144 -22.56 -3.93 -4.61
C ALA A 144 -22.40 -2.93 -5.76
N GLU A 145 -23.51 -2.49 -6.33
CA GLU A 145 -23.46 -1.54 -7.43
C GLU A 145 -23.39 -0.11 -6.92
N TYR A 146 -22.45 0.65 -7.47
CA TYR A 146 -22.24 2.03 -7.07
C TYR A 146 -23.17 3.01 -7.79
N ARG A 147 -24.05 3.66 -7.02
CA ARG A 147 -24.97 4.62 -7.59
C ARG A 147 -24.30 5.99 -7.63
N ASP A 148 -23.86 6.45 -6.46
CA ASP A 148 -23.19 7.73 -6.33
C ASP A 148 -22.64 7.90 -4.91
N MET A 149 -21.76 8.87 -4.72
CA MET A 149 -21.14 9.13 -3.43
C MET A 149 -22.11 9.53 -2.32
N GLU A 150 -23.40 9.60 -2.66
CA GLU A 150 -24.41 9.97 -1.67
C GLU A 150 -25.34 8.80 -1.33
N SER A 151 -25.39 7.81 -2.22
CA SER A 151 -26.23 6.64 -1.99
C SER A 151 -25.79 5.92 -0.73
N ASP A 152 -26.59 4.96 -0.29
CA ASP A 152 -26.28 4.19 0.92
C ASP A 152 -25.95 2.75 0.55
N TYR A 153 -24.90 2.20 1.14
CA TYR A 153 -24.48 0.83 0.85
C TYR A 153 -24.25 0.01 2.11
N SER A 154 -24.82 0.46 3.23
CA SER A 154 -24.68 -0.24 4.51
C SER A 154 -25.08 -1.72 4.38
N GLY A 155 -24.18 -2.62 4.77
CA GLY A 155 -24.46 -4.04 4.69
C GLY A 155 -24.54 -4.58 3.27
N GLN A 156 -24.36 -3.71 2.30
CA GLN A 156 -24.41 -4.10 0.89
C GLN A 156 -23.03 -4.50 0.36
N GLY A 157 -22.96 -5.61 -0.36
CA GLY A 157 -21.71 -6.10 -0.90
C GLY A 157 -20.82 -6.71 0.19
N VAL A 158 -19.82 -7.49 -0.24
CA VAL A 158 -18.90 -8.14 0.69
C VAL A 158 -17.88 -7.16 1.28
N ASP A 159 -17.75 -7.19 2.60
CA ASP A 159 -16.80 -6.31 3.27
C ASP A 159 -15.44 -7.00 3.41
N GLN A 160 -14.66 -7.00 2.34
CA GLN A 160 -13.37 -7.63 2.32
C GLN A 160 -12.52 -7.34 3.54
N LEU A 161 -12.41 -6.07 3.90
CA LEU A 161 -11.59 -5.69 5.04
C LEU A 161 -12.03 -6.33 6.35
N GLN A 162 -13.28 -6.09 6.74
CA GLN A 162 -13.78 -6.66 7.98
C GLN A 162 -13.66 -8.19 7.95
N ARG A 163 -13.91 -8.76 6.78
CA ARG A 163 -13.83 -10.20 6.66
C ARG A 163 -12.42 -10.71 6.99
N VAL A 164 -11.39 -9.92 6.66
CA VAL A 164 -10.02 -10.32 6.94
C VAL A 164 -9.83 -10.28 8.46
N ILE A 165 -10.26 -9.19 9.07
CA ILE A 165 -10.17 -9.03 10.51
C ILE A 165 -10.88 -10.21 11.20
N ASP A 166 -12.14 -10.46 10.83
CA ASP A 166 -12.90 -11.57 11.40
C ASP A 166 -12.18 -12.90 11.25
N THR A 167 -11.71 -13.21 10.04
CA THR A 167 -11.02 -14.47 9.81
C THR A 167 -9.76 -14.58 10.66
N ILE A 168 -9.08 -13.46 10.90
CA ILE A 168 -7.87 -13.49 11.71
C ILE A 168 -8.21 -13.94 13.12
N LYS A 169 -9.32 -13.46 13.64
CA LYS A 169 -9.71 -13.79 15.00
C LYS A 169 -10.62 -15.01 15.17
N THR A 170 -10.91 -15.72 14.09
CA THR A 170 -11.74 -16.93 14.18
C THR A 170 -10.96 -18.11 13.63
N ASN A 171 -9.98 -17.84 12.79
CA ASN A 171 -9.17 -18.91 12.20
C ASN A 171 -7.87 -18.37 11.63
N PRO A 172 -6.94 -17.98 12.51
CA PRO A 172 -5.63 -17.44 12.15
C PRO A 172 -4.76 -18.31 11.23
N ASP A 173 -4.99 -19.61 11.21
CA ASP A 173 -4.20 -20.51 10.37
C ASP A 173 -4.70 -20.52 8.92
N ASP A 174 -5.85 -19.89 8.70
CA ASP A 174 -6.46 -19.84 7.37
C ASP A 174 -5.50 -19.29 6.29
N ARG A 175 -5.60 -19.82 5.08
CA ARG A 175 -4.76 -19.41 3.95
C ARG A 175 -5.55 -18.62 2.92
N ARG A 176 -6.80 -18.32 3.27
CA ARG A 176 -7.70 -17.59 2.39
C ARG A 176 -7.96 -16.18 2.93
N ILE A 177 -7.03 -15.65 3.72
CA ILE A 177 -7.19 -14.30 4.28
C ILE A 177 -6.65 -13.32 3.26
N ILE A 178 -7.35 -13.24 2.13
CA ILE A 178 -6.99 -12.42 1.02
C ILE A 178 -7.99 -11.30 0.76
N MET A 179 -7.50 -10.17 0.27
CA MET A 179 -8.31 -8.99 -0.02
C MET A 179 -7.77 -8.47 -1.36
N CME A 180 -8.52 -7.65 -2.09
CA CME A 180 -8.53 -7.80 -3.53
CB CME A 180 -9.48 -8.92 -3.90
SG CME A 180 -8.66 -10.41 -4.48
SD CME A 180 -9.92 -11.83 -3.76
CE CME A 180 -10.89 -12.30 -5.20
CZ CME A 180 -12.33 -12.65 -4.85
OH CME A 180 -13.04 -13.26 -5.93
C CME A 180 -8.91 -6.53 -4.31
O CME A 180 -9.21 -6.83 -5.48
N ALA A 181 -8.15 -5.45 -4.20
CA ALA A 181 -8.44 -4.21 -4.95
C ALA A 181 -8.41 -4.31 -6.48
N TRP A 182 -9.25 -3.51 -7.12
CA TRP A 182 -9.37 -3.45 -8.58
C TRP A 182 -9.04 -2.08 -9.13
N ASN A 183 -8.91 -1.99 -10.45
CA ASN A 183 -8.65 -0.71 -11.11
C ASN A 183 -10.01 -0.36 -11.73
N PRO A 184 -10.65 0.70 -11.24
CA PRO A 184 -11.96 1.18 -11.72
C PRO A 184 -12.04 1.21 -13.23
N ARG A 185 -10.95 1.67 -13.84
CA ARG A 185 -10.83 1.78 -15.28
C ARG A 185 -11.16 0.47 -15.99
N ASP A 186 -10.82 -0.66 -15.38
CA ASP A 186 -11.05 -1.96 -15.99
C ASP A 186 -12.44 -2.53 -15.77
N LEU A 187 -13.15 -2.04 -14.76
CA LEU A 187 -14.48 -2.55 -14.45
C LEU A 187 -15.44 -2.64 -15.64
N PRO A 188 -15.57 -1.56 -16.42
CA PRO A 188 -16.47 -1.56 -17.58
C PRO A 188 -15.84 -2.16 -18.86
N LEU A 189 -14.50 -2.14 -18.92
CA LEU A 189 -13.74 -2.64 -20.07
C LEU A 189 -14.09 -4.03 -20.56
N MET A 190 -14.16 -4.98 -19.64
CA MET A 190 -14.45 -6.35 -20.02
C MET A 190 -15.27 -7.01 -18.92
N ALA A 191 -15.50 -8.30 -19.07
CA ALA A 191 -16.26 -9.05 -18.09
C ALA A 191 -15.34 -9.75 -17.12
N LEU A 192 -15.52 -9.48 -15.83
CA LEU A 192 -14.72 -10.10 -14.80
C LEU A 192 -13.24 -9.80 -15.00
N PRO A 193 -12.84 -8.55 -14.75
CA PRO A 193 -11.45 -8.11 -14.89
C PRO A 193 -10.60 -8.52 -13.68
N PRO A 194 -9.28 -8.66 -13.88
CA PRO A 194 -8.29 -9.05 -12.85
C PRO A 194 -7.65 -7.87 -12.11
N CME A 195 -8.38 -7.27 -11.21
CA CME A 195 -7.99 -7.17 -9.80
CB CME A 195 -8.23 -8.49 -9.04
SG CME A 195 -7.11 -9.86 -9.35
SD CME A 195 -5.54 -9.43 -8.16
CE CME A 195 -4.15 -9.96 -9.18
CZ CME A 195 -3.27 -8.84 -9.62
OH CME A 195 -2.43 -8.34 -8.59
C CME A 195 -6.54 -6.66 -9.62
O CME A 195 -6.19 -6.85 -8.45
N HIS A 196 -6.24 -5.47 -10.12
CA HIS A 196 -4.91 -4.85 -9.98
C HIS A 196 -3.98 -5.36 -8.85
N ALA A 197 -4.48 -5.43 -7.62
CA ALA A 197 -3.67 -5.91 -6.51
C ALA A 197 -4.42 -6.76 -5.49
N LEU A 198 -3.69 -7.60 -4.77
CA LEU A 198 -4.29 -8.42 -3.75
C LEU A 198 -3.29 -8.62 -2.64
N CME A 199 -3.76 -8.82 -1.41
CA CME A 199 -2.84 -8.65 -0.32
CB CME A 199 -2.73 -7.19 0.11
SG CME A 199 -3.85 -6.69 1.39
SD CME A 199 -4.89 -5.17 0.53
CE CME A 199 -5.60 -5.84 -1.00
CZ CME A 199 -5.40 -4.94 -2.21
OH CME A 199 -5.82 -3.61 -1.99
C CME A 199 -3.11 -9.61 0.85
O CME A 199 -2.53 -9.22 1.89
N GLN A 200 -2.98 -10.89 0.57
CA GLN A 200 -3.12 -11.98 1.53
C GLN A 200 -2.41 -11.76 2.88
N PHE A 201 -3.12 -12.03 3.97
CA PHE A 201 -2.57 -11.88 5.31
C PHE A 201 -2.19 -13.26 5.85
N TYR A 202 -1.29 -13.27 6.82
CA TYR A 202 -0.78 -14.49 7.40
C TYR A 202 -0.51 -14.30 8.91
N VAL A 203 -0.84 -15.32 9.72
CA VAL A 203 -0.65 -15.22 11.16
C VAL A 203 0.11 -16.40 11.73
N VAL A 204 0.96 -16.15 12.72
CA VAL A 204 1.72 -17.21 13.36
C VAL A 204 2.47 -16.59 14.54
N ASN A 205 2.46 -17.30 15.67
CA ASN A 205 3.12 -16.82 16.88
C ASN A 205 2.72 -15.41 17.23
N SER A 206 1.43 -15.14 17.19
CA SER A 206 0.92 -13.83 17.53
C SER A 206 1.47 -12.69 16.67
N GLU A 207 2.01 -13.04 15.50
CA GLU A 207 2.52 -12.04 14.58
C GLU A 207 1.73 -12.03 13.29
N LEU A 208 1.27 -10.84 12.90
CA LEU A 208 0.49 -10.65 11.67
C LEU A 208 1.43 -10.20 10.56
N SER A 209 1.46 -10.95 9.45
CA SER A 209 2.29 -10.58 8.32
C SER A 209 1.37 -10.24 7.16
N CYS A 210 1.91 -9.58 6.14
CA CYS A 210 1.14 -9.19 4.97
C CYS A 210 1.97 -9.28 3.71
N GLN A 211 1.36 -9.78 2.65
CA GLN A 211 2.04 -9.84 1.36
C GLN A 211 1.12 -9.19 0.34
N LEU A 212 1.67 -8.18 -0.33
CA LEU A 212 0.92 -7.45 -1.36
C LEU A 212 1.47 -7.85 -2.72
N TYR A 213 0.57 -8.19 -3.63
CA TYR A 213 0.96 -8.55 -4.98
C TYR A 213 0.28 -7.59 -5.94
N GLN A 214 1.10 -6.91 -6.74
CA GLN A 214 0.62 -5.97 -7.71
C GLN A 214 1.02 -6.43 -9.10
N ARG A 215 0.06 -6.41 -10.03
CA ARG A 215 0.33 -6.85 -11.38
C ARG A 215 1.34 -5.91 -12.06
N SER A 216 1.42 -4.67 -11.59
CA SER A 216 2.39 -3.72 -12.12
C SER A 216 2.77 -2.77 -10.98
N GLY A 217 4.02 -2.32 -10.97
CA GLY A 217 4.46 -1.41 -9.93
C GLY A 217 5.32 -0.30 -10.47
N ASP A 218 4.98 0.93 -10.09
CA ASP A 218 5.73 2.14 -10.47
C ASP A 218 6.83 2.22 -9.42
N MET A 219 8.03 1.77 -9.76
CA MET A 219 9.13 1.78 -8.80
C MET A 219 9.49 3.14 -8.24
N GLY A 220 9.48 4.15 -9.10
CA GLY A 220 9.84 5.49 -8.70
C GLY A 220 8.91 6.19 -7.74
N LEU A 221 7.61 6.21 -8.05
CA LEU A 221 6.64 6.88 -7.18
C LEU A 221 5.72 5.97 -6.38
N GLY A 222 5.13 4.98 -7.05
CA GLY A 222 4.20 4.08 -6.38
C GLY A 222 4.74 3.17 -5.30
N VAL A 223 5.78 2.41 -5.61
CA VAL A 223 6.36 1.47 -4.66
C VAL A 223 6.69 2.01 -3.26
N PRO A 224 7.45 3.11 -3.17
CA PRO A 224 7.78 3.65 -1.84
C PRO A 224 6.52 4.00 -1.02
N PHE A 225 5.54 4.59 -1.70
CA PHE A 225 4.29 4.99 -1.08
C PHE A 225 3.53 3.74 -0.58
N ASN A 226 3.39 2.75 -1.47
CA ASN A 226 2.68 1.50 -1.16
C ASN A 226 3.30 0.66 -0.08
N ILE A 227 4.62 0.69 0.03
CA ILE A 227 5.29 -0.08 1.05
C ILE A 227 4.77 0.40 2.39
N ALA A 228 4.93 1.70 2.62
CA ALA A 228 4.49 2.34 3.86
C ALA A 228 2.99 2.16 4.04
N SER A 229 2.24 2.42 2.97
CA SER A 229 0.81 2.29 3.01
C SER A 229 0.36 0.94 3.61
N TYR A 230 0.66 -0.16 2.92
CA TYR A 230 0.28 -1.48 3.40
C TYR A 230 0.93 -1.90 4.71
N ALA A 231 2.10 -1.35 5.01
CA ALA A 231 2.74 -1.69 6.26
C ALA A 231 1.88 -1.05 7.36
N LEU A 232 1.30 0.11 7.05
CA LEU A 232 0.44 0.80 8.00
C LEU A 232 -0.83 -0.01 8.21
N LEU A 233 -1.44 -0.42 7.11
CA LEU A 233 -2.64 -1.23 7.18
C LEU A 233 -2.35 -2.44 8.08
N THR A 234 -1.21 -3.08 7.84
CA THR A 234 -0.87 -4.25 8.64
C THR A 234 -0.79 -3.91 10.12
N TYR A 235 -0.26 -2.72 10.43
CA TYR A 235 -0.15 -2.27 11.82
C TYR A 235 -1.53 -2.11 12.45
N MET A 236 -2.47 -1.58 11.66
CA MET A 236 -3.82 -1.36 12.13
C MET A 236 -4.53 -2.67 12.39
N ILE A 237 -4.51 -3.56 11.39
CA ILE A 237 -5.16 -4.86 11.52
C ILE A 237 -4.55 -5.59 12.72
N ALA A 238 -3.22 -5.58 12.82
CA ALA A 238 -2.53 -6.25 13.91
C ALA A 238 -2.92 -5.68 15.26
N HIS A 239 -3.10 -4.37 15.31
CA HIS A 239 -3.44 -3.71 16.55
C HIS A 239 -4.83 -4.06 17.06
N ILE A 240 -5.81 -4.14 16.16
CA ILE A 240 -7.18 -4.47 16.57
C ILE A 240 -7.37 -5.98 16.77
N THR A 241 -6.50 -6.81 16.19
CA THR A 241 -6.59 -8.26 16.34
C THR A 241 -5.76 -8.74 17.52
N GLY A 242 -5.08 -7.80 18.18
CA GLY A 242 -4.25 -8.15 19.32
C GLY A 242 -3.00 -8.91 18.92
N LEU A 243 -2.51 -8.65 17.72
CA LEU A 243 -1.30 -9.29 17.20
C LEU A 243 -0.17 -8.29 17.04
N LYS A 244 1.04 -8.81 16.88
CA LYS A 244 2.22 -7.98 16.69
C LYS A 244 2.60 -8.00 15.21
N PRO A 245 2.91 -6.82 14.64
CA PRO A 245 3.29 -6.75 13.22
C PRO A 245 4.47 -7.67 12.96
N GLY A 246 4.39 -8.48 11.91
CA GLY A 246 5.49 -9.39 11.61
C GLY A 246 6.33 -8.90 10.45
N ASP A 247 5.91 -9.27 9.25
CA ASP A 247 6.59 -8.89 8.01
C ASP A 247 5.63 -8.43 6.95
N PHE A 248 6.15 -7.60 6.05
CA PHE A 248 5.39 -7.11 4.91
C PHE A 248 6.21 -7.52 3.69
N ILE A 249 5.60 -8.28 2.79
CA ILE A 249 6.30 -8.71 1.59
C ILE A 249 5.62 -8.00 0.41
N HIS A 250 6.44 -7.40 -0.45
CA HIS A 250 5.92 -6.72 -1.61
C HIS A 250 6.36 -7.52 -2.84
N THR A 251 5.39 -8.07 -3.54
CA THR A 251 5.66 -8.86 -4.74
C THR A 251 5.07 -8.13 -5.92
N LEU A 252 5.87 -8.05 -6.97
CA LEU A 252 5.44 -7.36 -8.16
C LEU A 252 5.46 -8.27 -9.36
N GLY A 253 4.72 -7.85 -10.37
CA GLY A 253 4.65 -8.56 -11.63
C GLY A 253 5.54 -7.70 -12.50
N ASP A 254 4.96 -6.73 -13.21
CA ASP A 254 5.76 -5.83 -14.04
C ASP A 254 6.35 -4.68 -13.19
N ALA A 255 7.62 -4.81 -12.81
CA ALA A 255 8.30 -3.77 -12.04
C ALA A 255 8.94 -2.83 -13.06
N HIS A 256 8.41 -1.62 -13.15
CA HIS A 256 8.92 -0.68 -14.11
C HIS A 256 9.36 0.67 -13.55
N ILE A 257 10.36 1.25 -14.21
CA ILE A 257 10.87 2.58 -13.86
C ILE A 257 10.54 3.47 -15.07
N TYR A 258 9.92 4.63 -14.84
CA TYR A 258 9.61 5.52 -15.96
C TYR A 258 10.89 6.25 -16.38
N LEU A 259 11.07 6.40 -17.69
CA LEU A 259 12.24 7.06 -18.25
C LEU A 259 12.63 8.38 -17.59
N ASN A 260 11.65 9.25 -17.40
CA ASN A 260 11.88 10.56 -16.80
C ASN A 260 12.17 10.50 -15.31
N HIS A 261 12.31 9.29 -14.79
CA HIS A 261 12.61 9.10 -13.37
C HIS A 261 14.00 8.49 -13.20
N ILE A 262 14.62 8.11 -14.31
CA ILE A 262 15.95 7.52 -14.29
C ILE A 262 17.03 8.38 -13.61
N GLU A 263 17.10 9.66 -13.95
CA GLU A 263 18.10 10.55 -13.35
C GLU A 263 17.92 10.73 -11.85
N PRO A 264 16.69 11.06 -11.42
CA PRO A 264 16.48 11.24 -9.97
C PRO A 264 16.83 9.95 -9.21
N LEU A 265 16.38 8.81 -9.75
CA LEU A 265 16.66 7.52 -9.12
C LEU A 265 18.15 7.19 -9.07
N LYS A 266 18.89 7.55 -10.12
CA LYS A 266 20.33 7.30 -10.13
C LYS A 266 21.00 8.06 -8.99
N ILE A 267 20.51 9.27 -8.72
CA ILE A 267 21.07 10.08 -7.66
C ILE A 267 20.67 9.53 -6.31
N GLN A 268 19.43 9.02 -6.23
CA GLN A 268 18.90 8.45 -4.99
C GLN A 268 19.65 7.19 -4.57
N LEU A 269 20.24 6.49 -5.54
CA LEU A 269 20.98 5.27 -5.26
C LEU A 269 22.27 5.60 -4.51
N GLN A 270 22.77 6.81 -4.73
CA GLN A 270 24.02 7.22 -4.09
C GLN A 270 23.83 7.64 -2.64
N ARG A 271 22.58 7.59 -2.15
CA ARG A 271 22.28 7.97 -0.78
C ARG A 271 22.30 6.77 0.16
N GLU A 272 23.03 6.92 1.27
CA GLU A 272 23.14 5.89 2.29
C GLU A 272 21.88 5.83 3.14
N PRO A 273 21.23 4.66 3.20
CA PRO A 273 20.00 4.48 3.98
C PRO A 273 20.20 4.71 5.46
N ARG A 274 19.16 5.20 6.11
CA ARG A 274 19.22 5.44 7.54
C ARG A 274 18.21 4.51 8.22
N PRO A 275 18.44 4.20 9.50
CA PRO A 275 17.54 3.32 10.24
C PRO A 275 16.09 3.72 10.02
N PHE A 276 15.23 2.72 9.81
CA PHE A 276 13.80 2.96 9.63
C PHE A 276 13.24 3.58 10.91
N PRO A 277 12.14 4.33 10.79
CA PRO A 277 11.51 4.95 11.95
C PRO A 277 10.73 3.93 12.78
N LYS A 278 9.80 4.44 13.58
CA LYS A 278 8.95 3.60 14.43
C LYS A 278 7.55 4.17 14.43
N LEU A 279 6.56 3.32 14.18
CA LEU A 279 5.18 3.79 14.22
C LEU A 279 4.64 3.45 15.60
N ARG A 280 3.88 4.37 16.17
CA ARG A 280 3.27 4.16 17.48
C ARG A 280 1.79 4.51 17.43
N ILE A 281 0.97 3.60 17.95
CA ILE A 281 -0.48 3.79 18.01
C ILE A 281 -0.74 4.20 19.45
N LEU A 282 -0.56 5.49 19.72
CA LEU A 282 -0.73 6.05 21.06
C LEU A 282 -2.17 6.14 21.56
N ARG A 283 -2.88 5.01 21.54
CA ARG A 283 -4.26 4.93 22.00
C ARG A 283 -4.78 3.52 21.75
N LYS A 284 -5.88 3.17 22.37
CA LYS A 284 -6.47 1.84 22.21
C LYS A 284 -7.70 1.88 21.31
N VAL A 285 -7.63 1.18 20.19
CA VAL A 285 -8.75 1.14 19.24
C VAL A 285 -9.25 -0.28 19.09
N GLU A 286 -10.55 -0.45 18.96
CA GLU A 286 -11.14 -1.78 18.83
C GLU A 286 -11.73 -2.05 17.44
N LYS A 287 -12.16 -0.99 16.76
CA LYS A 287 -12.71 -1.13 15.42
C LYS A 287 -11.86 -0.38 14.41
N ILE A 288 -11.62 -0.99 13.27
CA ILE A 288 -10.82 -0.41 12.22
C ILE A 288 -11.37 0.96 11.79
N ASP A 289 -12.68 1.13 11.88
CA ASP A 289 -13.33 2.37 11.49
C ASP A 289 -13.10 3.49 12.51
N ASP A 290 -12.67 3.11 13.71
CA ASP A 290 -12.44 4.06 14.80
C ASP A 290 -11.05 4.69 14.81
N PHE A 291 -10.28 4.46 13.75
CA PHE A 291 -8.95 5.04 13.69
C PHE A 291 -8.98 6.48 13.21
N LYS A 292 -8.09 7.29 13.76
CA LYS A 292 -7.99 8.71 13.42
C LYS A 292 -6.52 9.02 13.21
N ALA A 293 -6.25 9.96 12.31
CA ALA A 293 -4.88 10.34 12.01
C ALA A 293 -4.04 10.73 13.23
N GLU A 294 -4.70 10.95 14.37
CA GLU A 294 -3.98 11.33 15.58
C GLU A 294 -3.56 10.15 16.41
N ASP A 295 -4.02 8.97 16.03
CA ASP A 295 -3.69 7.76 16.77
C ASP A 295 -2.30 7.23 16.45
N PHE A 296 -1.74 7.67 15.32
CA PHE A 296 -0.42 7.20 14.91
C PHE A 296 0.65 8.28 14.99
N GLN A 297 1.86 7.86 15.32
CA GLN A 297 2.98 8.78 15.44
C GLN A 297 4.32 8.23 14.97
N ILE A 298 4.89 8.84 13.94
CA ILE A 298 6.18 8.42 13.42
C ILE A 298 7.29 8.93 14.33
N GLU A 299 8.30 8.10 14.57
CA GLU A 299 9.40 8.47 15.44
C GLU A 299 10.73 8.06 14.85
N GLY A 300 11.75 8.88 15.05
CA GLY A 300 13.06 8.58 14.54
C GLY A 300 13.16 8.65 13.02
N TYR A 301 12.24 9.35 12.37
CA TYR A 301 12.29 9.46 10.92
C TYR A 301 13.23 10.56 10.46
N ASN A 302 14.43 10.16 10.05
CA ASN A 302 15.42 11.10 9.59
C ASN A 302 15.76 10.77 8.12
N PRO A 303 14.92 11.23 7.18
CA PRO A 303 15.14 10.97 5.75
C PRO A 303 16.08 11.95 5.05
N HIS A 304 16.38 11.62 3.79
CA HIS A 304 17.21 12.44 2.95
C HIS A 304 16.25 13.41 2.31
N PRO A 305 16.76 14.43 1.61
CA PRO A 305 15.88 15.40 0.97
C PRO A 305 14.82 14.76 0.07
N THR A 306 13.71 15.45 -0.06
CA THR A 306 12.61 15.02 -0.90
C THR A 306 13.13 14.96 -2.33
N ILE A 307 12.51 14.12 -3.15
CA ILE A 307 12.90 13.97 -4.55
C ILE A 307 11.64 14.03 -5.39
N LYS A 308 11.44 15.13 -6.12
CA LYS A 308 10.26 15.23 -6.96
C LYS A 308 10.35 14.28 -8.14
N MET A 309 9.19 13.75 -8.53
CA MET A 309 9.11 12.85 -9.67
C MET A 309 7.77 13.00 -10.35
N GLU A 310 7.81 13.20 -11.66
CA GLU A 310 6.60 13.37 -12.45
C GLU A 310 5.80 12.08 -12.52
S SO4 B . -6.87 0.00 -22.54
O1 SO4 B . -7.83 0.27 -23.64
O2 SO4 B . -7.62 -0.50 -21.38
O3 SO4 B . -6.15 1.24 -22.19
O4 SO4 B . -5.90 -1.01 -22.97
C1 EDO C . 9.07 -5.08 -5.31
O1 EDO C . 9.38 -6.00 -4.27
C2 EDO C . 8.56 -3.75 -4.75
O2 EDO C . 8.52 -3.73 -3.33
O1 7PA D . -1.83 -1.69 -16.00
O1 7PA D . -3.46 -1.75 -14.01
O2 7PA D . -3.45 -1.82 -14.05
O2 7PA D . -0.98 -1.28 -13.71
C1 7PA D . -1.12 2.46 -16.01
C1 7PA D . -4.35 2.45 -14.39
C2 7PA D . -1.80 1.93 -14.74
C2 7PA D . -3.90 1.31 -15.32
P1 7PA D . -0.55 4.15 -16.50
P1 7PA D . -5.05 4.13 -14.73
C3 7PA D . -2.59 0.63 -14.96
C3 7PA D . -2.61 0.62 -14.87
P2 7PA D . -2.19 -1.15 -14.60
P2 7PA D . -2.18 -1.18 -14.66
O3 7PA D . -1.72 5.02 -16.01
O3 7PA D . -4.17 4.58 -15.92
O4 7PA D . -0.46 4.21 -18.03
O4 7PA D . -4.79 5.02 -13.51
O5 7PA D . -1.01 -1.23 -13.65
O5 7PA D . -1.91 -1.82 -16.02
O6 7PA D . 0.76 4.48 -15.83
O6 7PA D . -6.51 4.03 -15.07
#